data_2RQJ
#
_entry.id   2RQJ
#
_cell.length_a   1.000
_cell.length_b   1.000
_cell.length_c   1.000
_cell.angle_alpha   90.00
_cell.angle_beta   90.00
_cell.angle_gamma   90.00
#
_symmetry.space_group_name_H-M   'P 1'
#
_entity_poly.entity_id   1
_entity_poly.type   'polyribonucleotide'
_entity_poly.pdbx_seq_one_letter_code
;GGAGGAGGAGGA
;
_entity_poly.pdbx_strand_id   A,B
#
loop_
_chem_comp.id
_chem_comp.type
_chem_comp.name
_chem_comp.formula
A RNA linking ADENOSINE-5'-MONOPHOSPHATE 'C10 H14 N5 O7 P'
G RNA linking GUANOSINE-5'-MONOPHOSPHATE 'C10 H14 N5 O8 P'
#